data_7HL8
#
_entry.id   7HL8
#
_cell.length_a   82.320
_cell.length_b   116.014
_cell.length_c   147.204
_cell.angle_alpha   90.00
_cell.angle_beta   90.00
_cell.angle_gamma   90.00
#
_symmetry.space_group_name_H-M   'I 2 2 2'
#
loop_
_entity.id
_entity.type
_entity.pdbx_description
1 polymer 'Genome polyprotein'
2 non-polymer 'ZINC ION'
3 non-polymer '2-(N-MORPHOLINO)-ETHANESULFONIC ACID'
4 non-polymer 'DIMETHYL SULFOXIDE'
5 non-polymer DI(HYDROXYETHYL)ETHER
6 non-polymer 'PHOSPHATE ION'
7 non-polymer N-[2-(6-methylpyridin-3-yl)ethyl]aniline
8 water water
#
_entity_poly.entity_id   1
_entity_poly.type   'polypeptide(L)'
_entity_poly.pdbx_seq_one_letter_code
;GPGIESETPNLDIIGKRIEKIKQEHETSWHYDQDHPYKTWAYHGSYETKQTGSASSMVNGVVRLLTKPWDIIPMVTQMAM
TDTTPFGQQRVFKEKVDTRTQEPKEGTKKLMKITAEWLWKELGKKKTPRMCTREEFTRKVRSNAALGAIFTDENKWKSAR
EAVEDSGFWELVDKERNLHLEGKCETCVYNMMGKREKKLGEFGKAKGSRAIWYMWLGARFLEFEALGFLNEDHWFSRENS
LSGVEGEGLHKLGYILRDVSKKEGGAMYADDTAGWDTRITLEDLKNEEMVTNHMEGEHKKLAEAIFKLTYQNKVVRVQRP
TPRGTVMDIISRRDQRGSGQVVTYGLNTFTNMEAQLIRQMEGEGVFKSIQHLTVTEEIAVKNWLVRVGRERLSRMAISGD
DCVVKPLDDRFASALTALNDMGKVRKDIQQWEPSRGWNDWTQVPFCSHHFHELIMKDGRVLVVPCRNQDELIGRARISQG
AGWSLRETACLGKSYAQMWSLMYFHRRDLRLAANAICSAVPSHWVPTSRTTWSIHATHEWMTTEDMLTVWNRVWIQENPW
MEDKTPVESWEEIPYLGKREDQWCGSLIGLTSRATWAKNIQTAINQVRSLIGNEEYTDYMPSMKRFRREEEEAGVLW
;
_entity_poly.pdbx_strand_id   A
#
# COMPACT_ATOMS: atom_id res chain seq x y z
N ASN A 10 -20.63 -23.44 -5.70
CA ASN A 10 -21.65 -22.42 -6.12
C ASN A 10 -22.66 -22.25 -4.96
N LEU A 11 -23.98 -22.28 -5.24
CA LEU A 11 -25.03 -21.62 -4.42
C LEU A 11 -25.12 -22.24 -3.02
N ASP A 12 -24.62 -23.46 -2.84
CA ASP A 12 -24.56 -24.10 -1.50
C ASP A 12 -23.80 -23.17 -0.54
N ILE A 13 -22.73 -22.49 -0.99
CA ILE A 13 -21.82 -21.67 -0.12
C ILE A 13 -22.27 -20.20 -0.07
N ILE A 14 -22.93 -19.69 -1.11
CA ILE A 14 -23.29 -18.24 -1.17
C ILE A 14 -24.80 -18.04 -0.99
N GLY A 15 -25.62 -19.04 -1.36
CA GLY A 15 -27.10 -18.99 -1.28
C GLY A 15 -27.60 -18.30 -0.02
N LYS A 16 -27.16 -18.79 1.14
CA LYS A 16 -27.58 -18.31 2.49
C LYS A 16 -27.42 -16.79 2.56
N ARG A 17 -26.24 -16.28 2.19
CA ARG A 17 -25.93 -14.82 2.16
C ARG A 17 -26.92 -14.14 1.22
N ILE A 18 -27.22 -14.78 0.09
CA ILE A 18 -28.13 -14.21 -0.95
C ILE A 18 -29.55 -14.23 -0.38
N GLU A 19 -30.00 -15.41 0.08
CA GLU A 19 -31.34 -15.63 0.71
C GLU A 19 -31.59 -14.52 1.72
N LYS A 20 -30.60 -14.22 2.56
CA LYS A 20 -30.75 -13.27 3.70
C LYS A 20 -30.98 -11.85 3.19
N ILE A 21 -30.26 -11.44 2.14
CA ILE A 21 -30.35 -10.07 1.56
C ILE A 21 -31.68 -9.97 0.80
N LYS A 22 -32.05 -11.03 0.06
CA LYS A 22 -33.36 -11.09 -0.65
C LYS A 22 -34.47 -10.70 0.31
N GLN A 23 -34.48 -11.26 1.53
CA GLN A 23 -35.56 -11.09 2.55
C GLN A 23 -35.60 -9.65 3.08
N GLU A 24 -34.45 -9.01 3.32
CA GLU A 24 -34.37 -7.61 3.83
C GLU A 24 -34.94 -6.64 2.78
N HIS A 25 -35.10 -7.09 1.54
CA HIS A 25 -35.61 -6.28 0.40
C HIS A 25 -36.61 -7.11 -0.41
N GLU A 26 -37.56 -7.76 0.28
CA GLU A 26 -38.64 -8.62 -0.30
C GLU A 26 -39.64 -7.74 -1.05
N THR A 27 -39.75 -6.47 -0.67
CA THR A 27 -40.61 -5.45 -1.34
C THR A 27 -39.99 -4.97 -2.66
N SER A 28 -38.73 -5.32 -2.99
CA SER A 28 -37.99 -4.79 -4.18
C SER A 28 -37.44 -5.88 -5.11
N TRP A 29 -37.15 -7.10 -4.64
CA TRP A 29 -36.33 -8.12 -5.37
C TRP A 29 -36.82 -8.27 -6.82
N HIS A 30 -35.89 -8.45 -7.78
CA HIS A 30 -36.18 -8.61 -9.22
C HIS A 30 -34.95 -9.08 -10.00
N TYR A 31 -35.04 -10.21 -10.72
CA TYR A 31 -33.99 -10.70 -11.65
C TYR A 31 -34.04 -9.88 -12.95
N ASP A 32 -33.36 -8.72 -12.95
CA ASP A 32 -33.23 -7.81 -14.11
C ASP A 32 -32.57 -8.54 -15.30
N GLN A 33 -33.11 -8.35 -16.50
CA GLN A 33 -32.73 -9.09 -17.75
C GLN A 33 -31.72 -8.26 -18.55
N ASP A 34 -31.54 -6.97 -18.20
CA ASP A 34 -30.52 -6.06 -18.79
C ASP A 34 -29.45 -5.80 -17.73
N HIS A 35 -28.82 -6.87 -17.22
CA HIS A 35 -27.71 -6.82 -16.22
C HIS A 35 -26.38 -6.81 -16.96
N PRO A 36 -25.50 -5.81 -16.70
CA PRO A 36 -24.23 -5.65 -17.43
C PRO A 36 -23.12 -6.70 -17.22
N TYR A 37 -23.36 -7.73 -16.40
CA TYR A 37 -22.32 -8.68 -15.95
C TYR A 37 -22.20 -9.80 -16.99
N LYS A 38 -20.98 -10.04 -17.47
CA LYS A 38 -20.62 -11.29 -18.19
C LYS A 38 -19.86 -12.21 -17.23
N THR A 39 -18.76 -11.73 -16.63
CA THR A 39 -17.78 -12.56 -15.88
C THR A 39 -18.20 -12.74 -14.42
N TRP A 40 -18.90 -11.75 -13.85
CA TRP A 40 -19.59 -11.86 -12.54
C TRP A 40 -20.91 -12.60 -12.74
N ALA A 41 -21.25 -13.54 -11.84
CA ALA A 41 -22.59 -14.13 -11.67
C ALA A 41 -23.53 -13.09 -11.04
N TYR A 42 -24.75 -13.00 -11.55
CA TYR A 42 -25.74 -11.97 -11.16
C TYR A 42 -26.99 -12.63 -10.60
N HIS A 43 -27.42 -12.23 -9.40
CA HIS A 43 -28.53 -12.97 -8.72
C HIS A 43 -29.82 -12.15 -8.54
N GLY A 44 -29.75 -10.82 -8.53
CA GLY A 44 -30.97 -10.00 -8.42
C GLY A 44 -30.64 -8.58 -8.01
N SER A 45 -31.68 -7.76 -7.79
CA SER A 45 -31.57 -6.30 -7.54
C SER A 45 -32.60 -5.84 -6.52
N TYR A 46 -32.44 -4.63 -5.97
CA TYR A 46 -33.29 -4.02 -4.91
C TYR A 46 -33.01 -2.51 -4.86
N GLU A 47 -33.94 -1.73 -4.30
CA GLU A 47 -34.00 -0.24 -4.34
C GLU A 47 -33.05 0.38 -3.30
N THR A 48 -32.16 1.29 -3.73
CA THR A 48 -31.31 2.15 -2.86
C THR A 48 -31.24 3.55 -3.51
N LYS A 49 -30.44 4.47 -2.95
CA LYS A 49 -30.25 5.86 -3.47
C LYS A 49 -29.23 6.62 -2.60
N GLN A 50 -27.98 6.75 -3.08
CA GLN A 50 -26.90 7.51 -2.39
C GLN A 50 -25.70 7.68 -3.35
N THR A 51 -24.62 8.32 -2.87
CA THR A 51 -23.39 8.68 -3.63
C THR A 51 -23.17 7.68 -4.78
N ALA A 54 -18.15 10.71 -2.23
CA ALA A 54 -17.06 11.21 -1.37
C ALA A 54 -15.93 11.81 -2.23
N SER A 55 -15.97 13.13 -2.48
CA SER A 55 -14.99 13.88 -3.31
C SER A 55 -13.88 14.47 -2.42
N SER A 56 -12.76 14.82 -3.05
CA SER A 56 -11.53 15.33 -2.41
C SER A 56 -11.64 16.85 -2.23
N MET A 57 -11.35 17.35 -1.01
CA MET A 57 -11.47 18.78 -0.65
C MET A 57 -10.07 19.42 -0.60
N VAL A 58 -9.95 20.73 -0.80
CA VAL A 58 -8.61 21.38 -0.71
C VAL A 58 -8.36 21.81 0.73
N ASN A 59 -7.17 21.50 1.23
CA ASN A 59 -6.57 21.99 2.48
C ASN A 59 -6.12 23.43 2.25
N GLY A 60 -6.84 24.40 2.80
CA GLY A 60 -6.54 25.83 2.63
C GLY A 60 -5.23 26.24 3.29
N VAL A 61 -4.79 25.53 4.32
CA VAL A 61 -3.57 25.94 5.05
C VAL A 61 -2.39 25.70 4.08
N VAL A 62 -2.32 24.51 3.50
CA VAL A 62 -1.22 24.13 2.59
C VAL A 62 -1.29 24.99 1.32
N ARG A 63 -2.48 25.17 0.77
CA ARG A 63 -2.62 25.93 -0.50
C ARG A 63 -2.16 27.37 -0.29
N LEU A 64 -2.49 28.02 0.81
CA LEU A 64 -2.16 29.46 1.01
C LEU A 64 -0.64 29.61 1.17
N LEU A 65 0.04 28.55 1.58
CA LEU A 65 1.51 28.59 1.77
C LEU A 65 2.25 28.02 0.55
N THR A 66 1.54 27.61 -0.51
CA THR A 66 2.16 27.14 -1.76
C THR A 66 1.57 27.92 -2.95
N LYS A 67 1.56 29.24 -2.89
CA LYS A 67 0.90 30.06 -3.94
C LYS A 67 1.51 29.83 -5.33
N PRO A 68 2.83 29.75 -5.57
CA PRO A 68 3.33 29.55 -6.92
C PRO A 68 2.65 28.37 -7.67
N TRP A 69 2.20 27.35 -6.94
CA TRP A 69 1.62 26.13 -7.54
C TRP A 69 0.15 26.36 -7.90
N ASP A 70 -0.43 27.52 -7.57
CA ASP A 70 -1.83 27.82 -7.95
C ASP A 70 -2.01 27.84 -9.48
N ILE A 71 -0.92 28.00 -10.25
CA ILE A 71 -0.89 28.17 -11.73
C ILE A 71 -0.24 26.95 -12.43
N ILE A 72 0.16 25.90 -11.70
CA ILE A 72 0.72 24.64 -12.24
C ILE A 72 -0.42 23.65 -12.41
N PRO A 73 -0.87 23.37 -13.66
CA PRO A 73 -1.98 22.43 -13.89
C PRO A 73 -1.75 21.02 -13.33
N MET A 74 -0.51 20.52 -13.30
CA MET A 74 -0.25 19.19 -12.71
C MET A 74 -0.65 19.18 -11.23
N VAL A 75 -0.52 20.31 -10.52
CA VAL A 75 -0.91 20.42 -9.08
C VAL A 75 -2.42 20.62 -8.98
N THR A 76 -2.95 21.66 -9.64
CA THR A 76 -4.35 22.12 -9.48
C THR A 76 -5.32 21.06 -9.99
N GLN A 77 -4.92 20.25 -10.97
CA GLN A 77 -5.86 19.25 -11.58
C GLN A 77 -6.05 18.07 -10.65
N MET A 78 -5.06 17.72 -9.83
CA MET A 78 -5.14 16.57 -8.90
C MET A 78 -6.36 16.73 -7.98
N ALA A 79 -6.80 17.97 -7.69
CA ALA A 79 -7.87 18.20 -6.68
C ALA A 79 -9.27 18.20 -7.33
N MET A 80 -9.41 18.01 -8.63
CA MET A 80 -10.73 18.00 -9.32
C MET A 80 -11.23 16.55 -9.47
N THR A 81 -12.52 16.36 -9.80
CA THR A 81 -13.06 15.10 -10.33
C THR A 81 -14.50 14.86 -9.90
N PHE A 92 -10.63 0.87 -12.96
CA PHE A 92 -11.42 0.55 -14.19
C PHE A 92 -12.41 -0.58 -13.87
N LYS A 93 -13.71 -0.28 -13.82
CA LYS A 93 -14.79 -1.27 -13.53
C LYS A 93 -15.11 -2.05 -14.81
N GLU A 94 -14.40 -1.75 -15.91
CA GLU A 94 -14.38 -2.51 -17.19
C GLU A 94 -13.11 -3.37 -17.23
N LYS A 95 -12.37 -3.42 -16.11
CA LYS A 95 -11.22 -4.33 -15.86
C LYS A 95 -11.62 -5.38 -14.81
N VAL A 96 -12.54 -5.04 -13.90
CA VAL A 96 -13.07 -6.00 -12.88
C VAL A 96 -13.97 -7.03 -13.60
N ASP A 97 -14.68 -6.65 -14.68
CA ASP A 97 -15.55 -7.58 -15.43
C ASP A 97 -14.74 -8.26 -16.56
N THR A 98 -13.47 -8.63 -16.29
CA THR A 98 -12.61 -9.46 -17.17
C THR A 98 -12.48 -10.86 -16.56
N ARG A 99 -11.93 -11.83 -17.30
CA ARG A 99 -11.73 -13.24 -16.86
C ARG A 99 -10.28 -13.65 -17.17
N THR A 100 -9.63 -14.42 -16.29
CA THR A 100 -8.24 -14.94 -16.49
C THR A 100 -8.28 -16.46 -16.70
N GLN A 101 -7.60 -16.95 -17.73
CA GLN A 101 -7.58 -18.40 -18.10
C GLN A 101 -6.91 -19.21 -16.99
N GLU A 102 -7.29 -20.48 -16.85
CA GLU A 102 -6.64 -21.46 -15.95
C GLU A 102 -5.22 -21.74 -16.49
N PRO A 103 -4.17 -21.48 -15.69
CA PRO A 103 -2.82 -21.83 -16.10
C PRO A 103 -2.70 -23.28 -16.61
N LYS A 104 -1.75 -23.54 -17.50
CA LYS A 104 -1.32 -24.90 -17.95
C LYS A 104 -0.82 -25.68 -16.73
N GLU A 105 -0.70 -26.99 -16.89
CA GLU A 105 -0.38 -27.96 -15.81
C GLU A 105 1.02 -27.68 -15.29
N GLY A 106 1.96 -27.36 -16.19
CA GLY A 106 3.36 -27.10 -15.81
C GLY A 106 3.44 -25.87 -14.90
N THR A 107 2.71 -24.80 -15.28
CA THR A 107 2.51 -23.57 -14.47
C THR A 107 1.92 -23.93 -13.10
N LYS A 108 0.75 -24.58 -13.07
CA LYS A 108 0.08 -25.03 -11.81
C LYS A 108 1.06 -25.78 -10.90
N LYS A 109 1.90 -26.66 -11.42
CA LYS A 109 2.85 -27.46 -10.59
C LYS A 109 3.95 -26.56 -10.01
N LEU A 110 4.46 -25.64 -10.83
CA LEU A 110 5.54 -24.66 -10.50
C LEU A 110 5.08 -23.81 -9.31
N MET A 111 3.85 -23.31 -9.39
CA MET A 111 3.18 -22.44 -8.39
C MET A 111 2.96 -23.20 -7.07
N LYS A 112 2.40 -24.42 -7.10
CA LYS A 112 2.14 -25.25 -5.88
C LYS A 112 3.48 -25.52 -5.17
N ILE A 113 4.49 -26.01 -5.88
CA ILE A 113 5.82 -26.35 -5.28
C ILE A 113 6.44 -25.10 -4.67
N THR A 114 6.42 -23.97 -5.39
CA THR A 114 7.06 -22.70 -4.94
C THR A 114 6.32 -22.17 -3.70
N ALA A 115 4.98 -22.22 -3.74
CA ALA A 115 4.10 -21.76 -2.64
C ALA A 115 4.35 -22.59 -1.38
N GLU A 116 4.33 -23.92 -1.51
CA GLU A 116 4.62 -24.87 -0.41
C GLU A 116 5.97 -24.47 0.21
N TRP A 117 7.02 -24.36 -0.60
CA TRP A 117 8.36 -24.00 -0.11
C TRP A 117 8.36 -22.60 0.54
N LEU A 118 7.56 -21.65 0.04
CA LEU A 118 7.70 -20.21 0.47
C LEU A 118 7.03 -20.03 1.83
N TRP A 119 5.82 -20.57 2.01
CA TRP A 119 5.14 -20.67 3.33
C TRP A 119 6.02 -21.34 4.40
N LYS A 120 6.66 -22.47 4.06
CA LYS A 120 7.62 -23.11 5.00
C LYS A 120 8.66 -22.07 5.38
N GLU A 121 9.26 -21.37 4.43
CA GLU A 121 10.39 -20.47 4.74
C GLU A 121 9.93 -19.35 5.65
N LEU A 122 8.73 -18.82 5.38
CA LEU A 122 8.19 -17.63 6.07
C LEU A 122 7.90 -18.05 7.52
N GLY A 123 7.50 -19.32 7.68
CA GLY A 123 7.08 -19.95 8.94
C GLY A 123 8.23 -20.47 9.80
N LYS A 124 9.46 -20.58 9.28
CA LYS A 124 10.61 -21.17 10.02
C LYS A 124 10.86 -20.45 11.35
N LYS A 125 10.63 -19.14 11.43
CA LYS A 125 10.90 -18.29 12.62
C LYS A 125 9.64 -17.52 13.05
N LYS A 126 8.45 -17.95 12.62
CA LYS A 126 7.17 -17.31 12.99
C LYS A 126 6.18 -18.39 13.39
N THR A 127 5.26 -18.01 14.27
CA THR A 127 4.18 -18.87 14.80
C THR A 127 2.85 -18.25 14.37
N PRO A 128 2.10 -18.87 13.46
CA PRO A 128 0.74 -18.40 13.18
C PRO A 128 -0.05 -18.38 14.50
N ARG A 129 -0.98 -17.45 14.63
CA ARG A 129 -1.77 -17.33 15.88
C ARG A 129 -2.98 -16.43 15.60
N MET A 130 -4.03 -16.59 16.40
CA MET A 130 -5.26 -15.77 16.30
C MET A 130 -4.94 -14.37 16.81
N CYS A 131 -5.47 -13.35 16.16
CA CYS A 131 -5.48 -11.96 16.71
C CYS A 131 -6.76 -11.81 17.56
N THR A 132 -6.77 -10.88 18.51
CA THR A 132 -7.75 -10.84 19.63
C THR A 132 -8.69 -9.65 19.50
N ARG A 133 -9.92 -9.82 20.00
CA ARG A 133 -10.92 -8.73 20.20
C ARG A 133 -10.23 -7.51 20.81
N GLU A 134 -9.36 -7.74 21.79
CA GLU A 134 -8.59 -6.68 22.48
C GLU A 134 -7.78 -5.96 21.41
N GLU A 135 -6.89 -6.68 20.72
CA GLU A 135 -6.05 -6.12 19.62
C GLU A 135 -6.91 -5.32 18.64
N PHE A 136 -8.03 -5.92 18.20
CA PHE A 136 -8.93 -5.34 17.17
C PHE A 136 -9.48 -4.00 17.66
N THR A 137 -10.02 -4.01 18.89
CA THR A 137 -10.54 -2.84 19.65
C THR A 137 -9.50 -1.71 19.65
N ARG A 138 -8.28 -1.97 20.11
CA ARG A 138 -7.23 -0.91 20.19
C ARG A 138 -7.02 -0.31 18.79
N LYS A 139 -6.99 -1.15 17.75
CA LYS A 139 -6.86 -0.69 16.34
C LYS A 139 -7.93 0.37 16.06
N VAL A 140 -9.22 0.04 16.26
CA VAL A 140 -10.37 0.91 15.87
C VAL A 140 -10.33 2.19 16.71
N ARG A 141 -9.83 2.08 17.96
CA ARG A 141 -9.76 3.20 18.93
C ARG A 141 -8.51 4.05 18.67
N SER A 142 -7.94 3.98 17.46
CA SER A 142 -6.76 4.78 17.04
C SER A 142 -6.66 4.87 15.52
N ASN A 143 -7.77 4.67 14.79
CA ASN A 143 -7.92 4.96 13.34
C ASN A 143 -6.82 4.30 12.50
N ALA A 144 -6.99 3.03 12.16
CA ALA A 144 -6.38 2.37 10.98
C ALA A 144 -7.52 2.14 9.99
N ALA A 145 -7.32 2.45 8.70
CA ALA A 145 -8.35 2.28 7.65
C ALA A 145 -8.69 0.79 7.51
N LEU A 146 -9.63 0.29 8.33
CA LEU A 146 -10.04 -1.15 8.38
C LEU A 146 -11.25 -1.39 7.48
N GLY A 147 -11.53 -0.46 6.57
CA GLY A 147 -12.61 -0.54 5.56
C GLY A 147 -13.87 -1.24 6.05
N ALA A 148 -14.45 -0.81 7.17
CA ALA A 148 -15.78 -1.25 7.66
C ALA A 148 -16.87 -0.33 7.10
N ILE A 149 -18.13 -0.49 7.53
CA ILE A 149 -19.29 0.35 7.09
C ILE A 149 -20.03 0.90 8.33
N PHE A 150 -20.86 1.93 8.15
CA PHE A 150 -21.60 2.67 9.21
C PHE A 150 -22.47 1.70 10.01
N ASN A 154 -27.49 -0.27 8.69
CA ASN A 154 -26.64 0.46 9.66
C ASN A 154 -27.37 0.55 11.01
N LYS A 155 -26.75 0.00 12.06
CA LYS A 155 -27.33 -0.23 13.41
C LYS A 155 -26.63 0.70 14.44
N TRP A 156 -25.30 0.85 14.35
CA TRP A 156 -24.45 1.85 15.08
C TRP A 156 -24.01 2.97 14.12
N LYS A 157 -23.36 4.02 14.63
CA LYS A 157 -22.78 5.11 13.81
C LYS A 157 -21.35 4.71 13.39
N SER A 158 -20.34 5.08 14.19
CA SER A 158 -18.90 4.84 13.92
C SER A 158 -18.53 3.41 14.31
N ALA A 159 -17.31 3.01 13.97
CA ALA A 159 -16.71 1.71 14.34
C ALA A 159 -16.33 1.75 15.83
N ARG A 160 -15.83 2.90 16.29
CA ARG A 160 -15.48 3.18 17.71
C ARG A 160 -16.62 2.73 18.65
N GLU A 161 -17.90 2.93 18.25
CA GLU A 161 -19.10 2.66 19.09
C GLU A 161 -19.40 1.16 19.16
N ALA A 162 -19.40 0.49 18.00
CA ALA A 162 -19.87 -0.90 17.83
C ALA A 162 -19.00 -1.87 18.63
N VAL A 163 -17.77 -1.46 18.96
CA VAL A 163 -16.69 -2.30 19.57
C VAL A 163 -16.88 -2.34 21.09
N GLU A 164 -17.63 -1.37 21.64
CA GLU A 164 -17.94 -1.28 23.10
C GLU A 164 -19.28 -1.98 23.40
N ASP A 165 -20.19 -2.06 22.42
CA ASP A 165 -21.53 -2.71 22.55
C ASP A 165 -21.42 -4.23 22.40
N SER A 166 -21.74 -4.97 23.46
CA SER A 166 -21.61 -6.45 23.55
C SER A 166 -22.66 -7.16 22.68
N GLY A 167 -23.65 -6.43 22.15
CA GLY A 167 -24.62 -6.97 21.17
C GLY A 167 -23.89 -7.40 19.92
N PHE A 168 -23.28 -6.43 19.24
CA PHE A 168 -22.27 -6.62 18.16
C PHE A 168 -21.61 -7.99 18.33
N TRP A 169 -20.84 -8.18 19.41
CA TRP A 169 -19.97 -9.37 19.61
C TRP A 169 -20.81 -10.66 19.64
N GLU A 170 -22.10 -10.60 19.98
CA GLU A 170 -23.02 -11.76 19.89
C GLU A 170 -23.24 -12.06 18.40
N LEU A 171 -23.39 -11.02 17.59
CA LEU A 171 -23.49 -11.13 16.11
C LEU A 171 -22.21 -11.82 15.59
N VAL A 172 -21.04 -11.30 16.00
CA VAL A 172 -19.70 -11.88 15.70
C VAL A 172 -19.68 -13.34 16.12
N ASP A 173 -20.13 -13.63 17.35
CA ASP A 173 -20.20 -15.00 17.90
C ASP A 173 -21.07 -15.87 16.99
N LYS A 174 -22.22 -15.34 16.56
CA LYS A 174 -23.19 -16.16 15.76
C LYS A 174 -22.45 -16.58 14.49
N GLU A 175 -21.93 -15.60 13.75
CA GLU A 175 -21.22 -15.80 12.46
C GLU A 175 -20.05 -16.75 12.69
N ARG A 176 -19.27 -16.51 13.76
CA ARG A 176 -18.04 -17.27 14.08
C ARG A 176 -18.35 -18.76 14.24
N ASN A 177 -19.41 -19.12 14.96
CA ASN A 177 -19.88 -20.53 15.11
C ASN A 177 -20.42 -21.05 13.78
N LEU A 178 -21.07 -20.19 12.98
CA LEU A 178 -21.46 -20.51 11.58
C LEU A 178 -20.22 -20.86 10.75
N HIS A 179 -19.13 -20.08 10.85
CA HIS A 179 -17.87 -20.39 10.12
C HIS A 179 -17.29 -21.75 10.57
N LEU A 180 -17.30 -22.07 11.86
CA LEU A 180 -16.82 -23.38 12.40
C LEU A 180 -17.70 -24.51 11.81
N GLU A 181 -18.96 -24.22 11.48
CA GLU A 181 -19.89 -25.20 10.85
C GLU A 181 -19.55 -25.35 9.35
N GLY A 182 -18.83 -24.38 8.77
CA GLY A 182 -18.44 -24.36 7.33
C GLY A 182 -19.47 -23.63 6.47
N LYS A 183 -20.17 -22.63 7.04
CA LYS A 183 -21.20 -21.82 6.34
C LYS A 183 -21.04 -20.34 6.73
N CYS A 184 -21.63 -19.43 5.96
CA CYS A 184 -21.48 -17.97 6.13
C CYS A 184 -22.82 -17.30 5.85
N GLU A 185 -23.13 -16.22 6.56
CA GLU A 185 -24.44 -15.52 6.43
C GLU A 185 -24.28 -14.01 6.20
N THR A 186 -23.31 -13.33 6.83
CA THR A 186 -23.30 -11.84 6.84
C THR A 186 -22.02 -11.28 6.20
N CYS A 187 -21.08 -12.11 5.74
CA CYS A 187 -19.77 -11.67 5.17
C CYS A 187 -19.92 -11.34 3.67
N VAL A 188 -20.34 -10.11 3.36
CA VAL A 188 -20.76 -9.64 2.02
C VAL A 188 -19.97 -8.38 1.65
N TYR A 189 -19.38 -8.36 0.45
CA TYR A 189 -18.54 -7.24 -0.03
C TYR A 189 -19.43 -6.13 -0.56
N ASN A 190 -18.97 -4.88 -0.43
CA ASN A 190 -19.61 -3.64 -0.96
C ASN A 190 -18.57 -2.89 -1.80
N MET A 191 -18.74 -2.89 -3.13
CA MET A 191 -17.72 -2.43 -4.12
C MET A 191 -17.82 -0.90 -4.29
N MET A 192 -16.67 -0.21 -4.22
CA MET A 192 -16.52 1.26 -4.45
C MET A 192 -15.10 1.53 -4.99
N SER A 208 -7.76 2.62 -11.84
CA SER A 208 -7.27 1.26 -11.51
C SER A 208 -7.31 1.04 -9.99
N ARG A 209 -8.47 1.29 -9.36
CA ARG A 209 -8.72 1.10 -7.90
C ARG A 209 -10.18 0.67 -7.69
N ALA A 210 -10.41 -0.23 -6.71
CA ALA A 210 -11.74 -0.71 -6.28
C ALA A 210 -11.63 -1.27 -4.85
N ILE A 211 -12.34 -0.64 -3.89
CA ILE A 211 -12.18 -0.87 -2.42
C ILE A 211 -13.45 -1.55 -1.88
N TRP A 212 -13.36 -2.84 -1.55
CA TRP A 212 -14.51 -3.68 -1.13
C TRP A 212 -14.63 -3.61 0.39
N TYR A 213 -15.45 -2.68 0.89
CA TYR A 213 -15.80 -2.55 2.34
C TYR A 213 -16.66 -3.75 2.74
N MET A 214 -16.45 -4.28 3.95
CA MET A 214 -17.32 -5.28 4.62
C MET A 214 -17.85 -4.66 5.91
N TRP A 215 -18.84 -5.25 6.56
CA TRP A 215 -19.30 -4.78 7.89
C TRP A 215 -18.26 -5.14 8.97
N LEU A 216 -18.15 -4.31 10.00
CA LEU A 216 -17.00 -4.35 10.93
C LEU A 216 -16.79 -5.79 11.43
N GLY A 217 -17.87 -6.53 11.66
CA GLY A 217 -17.84 -7.87 12.26
C GLY A 217 -17.14 -8.86 11.36
N ALA A 218 -17.44 -8.81 10.07
CA ALA A 218 -16.76 -9.60 9.01
C ALA A 218 -15.27 -9.24 8.98
N ARG A 219 -14.92 -7.96 9.14
CA ARG A 219 -13.51 -7.48 9.23
C ARG A 219 -12.82 -8.07 10.45
N PHE A 220 -13.53 -8.17 11.58
CA PHE A 220 -12.94 -8.78 12.80
C PHE A 220 -12.59 -10.23 12.51
N LEU A 221 -13.50 -10.99 11.89
CA LEU A 221 -13.31 -12.45 11.64
C LEU A 221 -12.15 -12.64 10.67
N GLU A 222 -12.05 -11.78 9.66
CA GLU A 222 -10.87 -11.77 8.76
C GLU A 222 -9.61 -11.48 9.60
N PHE A 223 -9.63 -10.45 10.46
CA PHE A 223 -8.48 -10.02 11.31
C PHE A 223 -8.08 -11.11 12.31
N GLU A 224 -9.08 -11.77 12.89
CA GLU A 224 -8.90 -12.90 13.85
C GLU A 224 -8.03 -13.98 13.20
N ALA A 225 -8.35 -14.32 11.96
CA ALA A 225 -7.81 -15.51 11.26
C ALA A 225 -6.47 -15.19 10.59
N LEU A 226 -6.27 -13.98 10.06
CA LEU A 226 -5.12 -13.70 9.13
C LEU A 226 -4.30 -12.48 9.55
N GLY A 227 -4.78 -11.68 10.53
CA GLY A 227 -4.11 -10.47 11.03
C GLY A 227 -2.67 -10.75 11.41
N PHE A 228 -2.35 -11.99 11.77
CA PHE A 228 -0.99 -12.34 12.25
C PHE A 228 0.01 -11.95 11.17
N LEU A 229 -0.33 -12.12 9.87
CA LEU A 229 0.55 -11.87 8.69
C LEU A 229 1.09 -10.43 8.77
N ASN A 230 0.20 -9.46 9.01
CA ASN A 230 0.62 -8.06 9.23
C ASN A 230 1.16 -7.88 10.64
N GLU A 231 0.36 -8.26 11.67
CA GLU A 231 0.65 -7.93 13.10
C GLU A 231 2.03 -8.48 13.51
N ASP A 232 2.47 -9.65 13.00
CA ASP A 232 3.77 -10.28 13.38
C ASP A 232 4.79 -10.16 12.23
N HIS A 233 4.53 -9.31 11.23
CA HIS A 233 5.57 -8.89 10.26
C HIS A 233 6.11 -10.09 9.48
N TRP A 234 5.25 -10.88 8.84
CA TRP A 234 5.67 -12.08 8.05
C TRP A 234 6.45 -11.64 6.79
N PHE A 235 6.16 -10.45 6.28
CA PHE A 235 6.79 -9.86 5.09
C PHE A 235 7.81 -8.79 5.47
N SER A 236 8.31 -8.76 6.70
CA SER A 236 9.51 -7.94 7.04
C SER A 236 10.67 -8.37 6.13
N ARG A 237 11.64 -7.50 5.88
CA ARG A 237 12.83 -7.93 5.11
C ARG A 237 13.58 -9.06 5.83
N GLU A 238 13.75 -8.95 7.14
CA GLU A 238 14.53 -9.93 7.93
C GLU A 238 13.90 -11.31 7.79
N ASN A 239 12.58 -11.39 7.85
CA ASN A 239 11.88 -12.69 7.86
C ASN A 239 11.73 -13.26 6.44
N SER A 240 11.39 -12.44 5.44
CA SER A 240 10.95 -12.90 4.08
C SER A 240 12.00 -12.64 3.00
N LEU A 241 13.04 -11.82 3.24
CA LEU A 241 14.26 -11.57 2.42
C LEU A 241 13.95 -10.66 1.21
N SER A 242 12.80 -10.83 0.58
CA SER A 242 12.29 -10.01 -0.55
C SER A 242 11.47 -8.83 -0.04
N GLY A 243 10.70 -9.03 1.03
CA GLY A 243 9.69 -8.07 1.54
C GLY A 243 10.31 -6.82 2.12
N VAL A 244 9.51 -5.77 2.25
CA VAL A 244 9.90 -4.49 2.90
C VAL A 244 8.79 -4.04 3.90
N GLU A 245 7.94 -4.93 4.39
CA GLU A 245 6.83 -4.50 5.30
C GLU A 245 7.46 -3.84 6.54
N GLY A 246 6.95 -2.65 6.90
CA GLY A 246 7.45 -1.89 8.06
C GLY A 246 8.80 -1.26 7.80
N GLU A 247 9.27 -1.20 6.55
CA GLU A 247 10.65 -0.72 6.33
C GLU A 247 10.67 0.80 6.42
N GLY A 248 9.77 1.51 5.77
CA GLY A 248 9.87 2.99 5.82
C GLY A 248 10.63 3.55 4.61
N LEU A 249 10.18 4.70 4.11
N LEU A 249 10.16 4.69 4.08
CA LEU A 249 10.62 5.33 2.84
CA LEU A 249 10.66 5.31 2.82
C LEU A 249 12.11 5.69 2.93
C LEU A 249 12.15 5.62 2.94
N HIS A 250 12.61 5.96 4.13
CA HIS A 250 14.04 6.29 4.42
C HIS A 250 14.91 5.03 4.42
N LYS A 251 14.32 3.84 4.24
CA LYS A 251 15.09 2.56 4.17
C LYS A 251 15.07 1.97 2.74
N LEU A 252 14.02 2.23 1.95
CA LEU A 252 13.79 1.57 0.63
C LEU A 252 14.97 1.82 -0.30
N GLY A 253 15.45 3.06 -0.38
CA GLY A 253 16.64 3.43 -1.18
C GLY A 253 17.86 2.60 -0.81
N TYR A 254 18.16 2.49 0.47
CA TYR A 254 19.32 1.70 0.97
C TYR A 254 19.13 0.22 0.62
N ILE A 255 17.90 -0.25 0.64
CA ILE A 255 17.59 -1.66 0.33
C ILE A 255 17.86 -1.91 -1.17
N LEU A 256 17.38 -1.06 -2.07
CA LEU A 256 17.62 -1.16 -3.52
C LEU A 256 19.12 -1.07 -3.78
N ARG A 257 19.86 -0.22 -3.05
CA ARG A 257 21.32 -0.08 -3.26
C ARG A 257 21.97 -1.40 -2.86
N ASP A 258 21.46 -2.06 -1.82
CA ASP A 258 22.04 -3.37 -1.37
C ASP A 258 21.77 -4.42 -2.47
N VAL A 259 20.60 -4.44 -3.08
CA VAL A 259 20.30 -5.36 -4.20
C VAL A 259 21.27 -5.07 -5.34
N SER A 260 21.53 -3.80 -5.67
CA SER A 260 22.45 -3.37 -6.75
C SER A 260 23.84 -4.00 -6.57
N LYS A 261 24.26 -4.26 -5.35
CA LYS A 261 25.65 -4.66 -5.00
C LYS A 261 25.88 -6.12 -5.38
N LYS A 262 24.80 -6.89 -5.57
CA LYS A 262 24.84 -8.30 -6.05
C LYS A 262 25.37 -8.34 -7.48
N GLU A 263 26.08 -9.41 -7.82
CA GLU A 263 26.47 -9.74 -9.19
C GLU A 263 25.18 -10.05 -9.95
N GLY A 264 25.00 -9.51 -11.16
CA GLY A 264 23.87 -9.94 -12.00
C GLY A 264 23.61 -8.99 -13.14
N GLY A 265 22.44 -9.09 -13.74
CA GLY A 265 22.08 -8.25 -14.90
C GLY A 265 21.48 -6.91 -14.49
N ALA A 266 20.62 -6.36 -15.34
CA ALA A 266 19.91 -5.09 -15.11
C ALA A 266 19.00 -5.30 -13.91
N MET A 267 18.42 -4.22 -13.41
CA MET A 267 17.33 -4.26 -12.42
C MET A 267 16.00 -4.12 -13.19
N TYR A 268 15.06 -5.01 -12.93
CA TYR A 268 13.76 -5.11 -13.63
C TYR A 268 12.68 -4.71 -12.64
N ALA A 269 11.76 -3.90 -13.14
CA ALA A 269 10.68 -3.31 -12.38
C ALA A 269 9.43 -3.28 -13.24
N ASP A 270 8.90 -4.45 -13.60
CA ASP A 270 7.69 -4.53 -14.43
C ASP A 270 6.48 -4.44 -13.51
N ASP A 271 5.68 -3.39 -13.64
CA ASP A 271 4.31 -3.29 -13.10
C ASP A 271 3.37 -4.28 -13.81
N THR A 272 2.41 -4.87 -13.09
CA THR A 272 1.31 -5.69 -13.67
C THR A 272 0.13 -4.79 -13.99
N ALA A 273 -0.57 -5.13 -15.07
CA ALA A 273 -1.84 -4.48 -15.47
C ALA A 273 -2.98 -5.03 -14.60
N GLY A 274 -3.52 -4.20 -13.69
CA GLY A 274 -4.63 -4.55 -12.76
C GLY A 274 -4.36 -5.83 -12.00
N TRP A 275 -3.29 -5.84 -11.19
CA TRP A 275 -2.86 -7.03 -10.40
C TRP A 275 -4.03 -7.70 -9.68
N ASP A 276 -4.89 -6.97 -8.98
CA ASP A 276 -5.98 -7.58 -8.15
C ASP A 276 -6.96 -8.33 -9.09
N THR A 277 -7.19 -7.83 -10.31
CA THR A 277 -8.09 -8.50 -11.30
C THR A 277 -7.43 -9.76 -11.89
N ARG A 278 -6.11 -9.97 -11.73
CA ARG A 278 -5.38 -11.11 -12.36
C ARG A 278 -5.08 -12.21 -11.34
N ILE A 279 -5.63 -12.12 -10.13
CA ILE A 279 -5.41 -13.17 -9.10
C ILE A 279 -6.36 -14.34 -9.42
N THR A 280 -5.81 -15.49 -9.74
CA THR A 280 -6.55 -16.70 -10.20
C THR A 280 -7.02 -17.48 -8.98
N LEU A 281 -8.04 -18.33 -9.14
CA LEU A 281 -8.45 -19.29 -8.08
C LEU A 281 -7.23 -20.16 -7.73
N GLU A 282 -6.33 -20.42 -8.67
CA GLU A 282 -5.12 -21.23 -8.38
C GLU A 282 -4.20 -20.48 -7.39
N ASP A 283 -4.08 -19.16 -7.54
CA ASP A 283 -3.36 -18.27 -6.60
C ASP A 283 -4.04 -18.26 -5.21
N LEU A 284 -5.37 -18.11 -5.16
CA LEU A 284 -6.17 -18.13 -3.90
C LEU A 284 -5.96 -19.45 -3.13
N LYS A 285 -5.78 -20.57 -3.84
CA LYS A 285 -5.55 -21.93 -3.29
C LYS A 285 -4.12 -22.05 -2.76
N ASN A 286 -3.14 -21.45 -3.44
CA ASN A 286 -1.73 -21.52 -2.97
C ASN A 286 -1.56 -20.63 -1.74
N GLU A 287 -2.33 -19.54 -1.68
CA GLU A 287 -2.38 -18.61 -0.51
C GLU A 287 -2.94 -19.33 0.72
N GLU A 288 -4.02 -20.11 0.53
N GLU A 288 -4.01 -20.11 0.53
CA GLU A 288 -4.70 -20.88 1.61
CA GLU A 288 -4.72 -20.89 1.58
C GLU A 288 -3.73 -21.88 2.27
C GLU A 288 -3.76 -21.89 2.26
N MET A 289 -2.69 -22.31 1.58
CA MET A 289 -1.74 -23.32 2.14
C MET A 289 -1.05 -22.81 3.40
N VAL A 290 -1.15 -21.51 3.73
CA VAL A 290 -0.69 -21.02 5.06
C VAL A 290 -1.46 -21.73 6.19
N THR A 291 -2.72 -22.16 5.96
CA THR A 291 -3.50 -22.91 6.99
C THR A 291 -2.81 -24.23 7.34
N ASN A 292 -2.03 -24.80 6.42
CA ASN A 292 -1.27 -26.05 6.68
C ASN A 292 -0.28 -25.85 7.83
N HIS A 293 -0.06 -24.62 8.29
CA HIS A 293 0.96 -24.30 9.33
C HIS A 293 0.28 -23.95 10.66
N MET A 294 -1.05 -24.02 10.69
CA MET A 294 -1.92 -23.57 11.79
C MET A 294 -2.43 -24.82 12.54
N GLU A 295 -3.33 -24.63 13.52
CA GLU A 295 -3.91 -25.74 14.32
C GLU A 295 -5.16 -25.32 15.07
N GLY A 296 -5.83 -26.33 15.61
CA GLY A 296 -7.04 -26.21 16.43
C GLY A 296 -8.07 -25.37 15.71
N GLU A 297 -8.72 -24.50 16.48
CA GLU A 297 -9.72 -23.50 16.05
C GLU A 297 -9.15 -22.66 14.90
N HIS A 298 -7.94 -22.10 15.09
CA HIS A 298 -7.31 -21.13 14.16
C HIS A 298 -7.42 -21.72 12.74
N LYS A 299 -6.89 -22.92 12.58
CA LYS A 299 -6.84 -23.62 11.27
C LYS A 299 -8.23 -23.60 10.63
N LYS A 300 -9.30 -23.85 11.39
CA LYS A 300 -10.69 -23.95 10.85
C LYS A 300 -11.23 -22.56 10.53
N LEU A 301 -10.96 -21.59 11.41
CA LEU A 301 -11.39 -20.18 11.20
C LEU A 301 -10.73 -19.63 9.92
N ALA A 302 -9.41 -19.76 9.78
CA ALA A 302 -8.61 -19.35 8.59
C ALA A 302 -9.16 -20.05 7.34
N GLU A 303 -9.39 -21.37 7.41
CA GLU A 303 -9.90 -22.20 6.29
C GLU A 303 -11.23 -21.63 5.80
N ALA A 304 -12.08 -21.23 6.72
CA ALA A 304 -13.44 -20.72 6.41
C ALA A 304 -13.32 -19.34 5.74
N ILE A 305 -12.48 -18.47 6.28
CA ILE A 305 -12.24 -17.14 5.66
C ILE A 305 -11.82 -17.40 4.20
N PHE A 306 -10.85 -18.30 3.97
CA PHE A 306 -10.34 -18.59 2.60
C PHE A 306 -11.48 -19.16 1.73
N LYS A 307 -12.20 -20.19 2.23
CA LYS A 307 -13.26 -20.92 1.49
C LYS A 307 -14.42 -19.98 1.17
N LEU A 308 -14.87 -19.20 2.15
CA LEU A 308 -16.25 -18.65 2.14
C LEU A 308 -16.26 -17.16 1.76
N THR A 309 -15.18 -16.43 2.01
CA THR A 309 -15.09 -14.98 1.70
C THR A 309 -14.07 -14.71 0.57
N TYR A 310 -13.04 -15.53 0.38
CA TYR A 310 -11.96 -15.28 -0.63
C TYR A 310 -12.26 -16.11 -1.90
N GLN A 311 -12.39 -17.44 -1.80
CA GLN A 311 -12.52 -18.38 -2.95
C GLN A 311 -13.99 -18.47 -3.40
N ASN A 312 -14.88 -17.78 -2.68
CA ASN A 312 -16.28 -17.45 -3.04
C ASN A 312 -16.58 -16.07 -2.45
N LYS A 313 -17.28 -15.24 -3.19
CA LYS A 313 -17.45 -13.82 -2.83
C LYS A 313 -18.89 -13.42 -3.13
N VAL A 314 -19.48 -12.60 -2.29
CA VAL A 314 -20.80 -12.00 -2.56
C VAL A 314 -20.58 -10.52 -2.40
N VAL A 315 -21.09 -9.74 -3.34
CA VAL A 315 -20.77 -8.31 -3.47
C VAL A 315 -22.05 -7.61 -3.83
N ARG A 316 -22.22 -6.40 -3.30
CA ARG A 316 -23.34 -5.50 -3.65
C ARG A 316 -22.74 -4.27 -4.34
N VAL A 317 -23.21 -3.96 -5.56
CA VAL A 317 -22.70 -2.85 -6.42
C VAL A 317 -23.86 -1.91 -6.77
N GLN A 318 -23.64 -0.59 -6.69
CA GLN A 318 -24.62 0.44 -7.15
C GLN A 318 -24.58 0.54 -8.68
N ARG A 319 -25.76 0.64 -9.32
CA ARG A 319 -25.91 0.83 -10.78
C ARG A 319 -26.93 1.95 -11.03
N PRO A 320 -26.53 3.11 -11.60
CA PRO A 320 -27.45 4.23 -11.86
C PRO A 320 -28.72 3.92 -12.68
N THR A 321 -28.67 2.93 -13.58
CA THR A 321 -29.80 2.49 -14.45
C THR A 321 -31.04 2.24 -13.58
N THR A 325 -30.92 4.07 -9.46
CA THR A 325 -29.85 3.40 -8.68
C THR A 325 -30.45 2.20 -7.94
N VAL A 326 -30.17 0.98 -8.42
CA VAL A 326 -30.45 -0.29 -7.69
C VAL A 326 -29.14 -0.79 -7.07
N MET A 327 -29.22 -1.94 -6.40
CA MET A 327 -28.07 -2.67 -5.81
C MET A 327 -28.01 -4.07 -6.41
N ASP A 328 -27.06 -4.33 -7.30
CA ASP A 328 -26.85 -5.66 -7.91
C ASP A 328 -26.16 -6.56 -6.87
N ILE A 329 -26.60 -7.80 -6.78
CA ILE A 329 -25.97 -8.83 -5.92
C ILE A 329 -25.37 -9.85 -6.85
N ILE A 330 -24.06 -9.81 -6.93
CA ILE A 330 -23.27 -10.61 -7.90
C ILE A 330 -22.25 -11.40 -7.10
N SER A 331 -21.78 -12.51 -7.66
CA SER A 331 -20.79 -13.42 -7.04
C SER A 331 -19.68 -13.76 -8.04
N ARG A 332 -18.52 -14.16 -7.53
CA ARG A 332 -17.45 -14.83 -8.33
C ARG A 332 -16.48 -15.48 -7.37
N ARG A 333 -15.64 -16.35 -7.90
CA ARG A 333 -14.73 -17.21 -7.11
C ARG A 333 -13.33 -16.58 -7.05
N ASP A 334 -12.88 -15.94 -8.13
CA ASP A 334 -11.46 -15.51 -8.31
C ASP A 334 -11.34 -13.99 -8.17
N GLN A 335 -10.14 -13.45 -8.44
CA GLN A 335 -9.71 -12.04 -8.16
C GLN A 335 -9.49 -11.82 -6.66
N ARG A 336 -8.89 -10.69 -6.35
CA ARG A 336 -8.58 -10.20 -4.98
C ARG A 336 -9.69 -9.27 -4.48
N GLY A 337 -10.03 -9.49 -3.22
CA GLY A 337 -11.09 -8.87 -2.42
C GLY A 337 -10.94 -9.40 -1.00
N SER A 338 -10.39 -8.56 -0.12
CA SER A 338 -9.96 -8.89 1.25
C SER A 338 -9.74 -7.56 1.97
N GLY A 339 -9.37 -7.59 3.25
CA GLY A 339 -8.89 -6.37 3.92
C GLY A 339 -7.71 -5.84 3.14
N GLN A 340 -7.61 -4.52 2.96
CA GLN A 340 -6.49 -3.87 2.23
C GLN A 340 -5.15 -4.32 2.82
N VAL A 341 -5.11 -4.78 4.08
CA VAL A 341 -3.88 -5.17 4.81
C VAL A 341 -3.58 -6.67 4.57
N VAL A 342 -4.61 -7.53 4.61
CA VAL A 342 -4.41 -8.95 4.20
C VAL A 342 -4.17 -8.97 2.68
N THR A 343 -4.80 -8.08 1.92
CA THR A 343 -4.53 -7.90 0.47
C THR A 343 -3.02 -7.65 0.26
N TYR A 344 -2.43 -6.75 1.04
CA TYR A 344 -1.02 -6.36 0.90
C TYR A 344 -0.16 -7.62 1.06
N GLY A 345 -0.43 -8.39 2.11
CA GLY A 345 0.45 -9.52 2.48
C GLY A 345 0.34 -10.68 1.51
N LEU A 346 -0.86 -10.96 1.00
CA LEU A 346 -1.08 -12.08 0.06
C LEU A 346 -0.60 -11.69 -1.34
N ASN A 347 -0.77 -10.42 -1.71
CA ASN A 347 -0.13 -9.83 -2.92
C ASN A 347 1.39 -9.98 -2.83
N THR A 348 2.01 -9.58 -1.74
CA THR A 348 3.47 -9.76 -1.58
C THR A 348 3.80 -11.24 -1.79
N PHE A 349 3.03 -12.13 -1.19
CA PHE A 349 3.31 -13.59 -1.19
C PHE A 349 3.33 -14.10 -2.63
N THR A 350 2.26 -13.83 -3.36
CA THR A 350 2.00 -14.39 -4.71
C THR A 350 3.01 -13.75 -5.68
N ASN A 351 3.29 -12.45 -5.51
CA ASN A 351 4.34 -11.71 -6.26
C ASN A 351 5.72 -12.35 -6.00
N MET A 352 6.10 -12.59 -4.75
CA MET A 352 7.36 -13.30 -4.45
C MET A 352 7.41 -14.59 -5.28
N GLU A 353 6.30 -15.30 -5.35
CA GLU A 353 6.19 -16.64 -5.96
C GLU A 353 6.40 -16.53 -7.49
N ALA A 354 5.61 -15.67 -8.12
CA ALA A 354 5.70 -15.38 -9.57
C ALA A 354 7.13 -14.98 -9.94
N GLN A 355 7.77 -14.12 -9.15
CA GLN A 355 9.10 -13.59 -9.53
C GLN A 355 10.17 -14.66 -9.35
N LEU A 356 10.07 -15.54 -8.35
CA LEU A 356 11.02 -16.69 -8.20
C LEU A 356 10.89 -17.61 -9.43
N ILE A 357 9.66 -17.82 -9.91
CA ILE A 357 9.37 -18.72 -11.04
C ILE A 357 9.92 -18.08 -12.31
N ARG A 358 9.66 -16.78 -12.52
CA ARG A 358 10.19 -16.05 -13.68
C ARG A 358 11.72 -16.14 -13.64
N GLN A 359 12.31 -15.98 -12.47
CA GLN A 359 13.77 -16.17 -12.29
C GLN A 359 14.14 -17.62 -12.69
N MET A 360 13.35 -18.63 -12.32
CA MET A 360 13.65 -20.07 -12.64
C MET A 360 13.71 -20.24 -14.16
N GLU A 361 12.75 -19.66 -14.86
CA GLU A 361 12.60 -19.70 -16.33
C GLU A 361 13.85 -19.09 -16.96
N GLY A 362 14.29 -17.91 -16.52
CA GLY A 362 15.51 -17.27 -17.06
C GLY A 362 16.76 -18.15 -16.87
N GLU A 363 16.83 -18.93 -15.80
CA GLU A 363 17.98 -19.79 -15.48
C GLU A 363 17.80 -21.16 -16.17
N GLY A 364 16.73 -21.34 -16.94
CA GLY A 364 16.43 -22.64 -17.56
C GLY A 364 16.40 -23.79 -16.56
N VAL A 365 15.72 -23.61 -15.42
CA VAL A 365 15.41 -24.66 -14.41
C VAL A 365 14.37 -25.62 -15.01
N PHE A 366 13.52 -25.13 -15.91
CA PHE A 366 12.48 -25.92 -16.63
C PHE A 366 12.32 -25.42 -18.07
N LYS A 367 11.93 -26.32 -18.96
CA LYS A 367 11.98 -26.11 -20.43
C LYS A 367 10.66 -25.48 -20.88
N SER A 368 9.54 -26.00 -20.38
CA SER A 368 8.18 -25.71 -20.88
C SER A 368 7.19 -25.65 -19.72
N ILE A 369 6.21 -24.76 -19.84
CA ILE A 369 5.13 -24.54 -18.83
C ILE A 369 4.02 -25.54 -19.11
N GLN A 370 4.10 -26.23 -20.25
CA GLN A 370 3.03 -27.12 -20.75
C GLN A 370 2.90 -28.31 -19.80
N HIS A 371 4.03 -28.79 -19.28
CA HIS A 371 4.15 -30.02 -18.45
C HIS A 371 5.55 -30.09 -17.83
N LEU A 372 5.63 -30.14 -16.51
CA LEU A 372 6.89 -30.47 -15.79
C LEU A 372 7.06 -31.99 -15.81
N THR A 373 8.25 -32.46 -16.16
CA THR A 373 8.65 -33.88 -16.08
C THR A 373 8.91 -34.20 -14.61
N VAL A 374 9.15 -35.46 -14.27
CA VAL A 374 9.39 -35.88 -12.87
C VAL A 374 10.74 -35.33 -12.39
N THR A 375 11.77 -35.38 -13.24
CA THR A 375 13.13 -34.88 -12.93
C THR A 375 13.13 -33.33 -12.93
N GLU A 376 12.20 -32.67 -13.62
CA GLU A 376 12.06 -31.18 -13.64
C GLU A 376 11.54 -30.72 -12.28
N GLU A 377 10.56 -31.41 -11.70
CA GLU A 377 10.08 -31.16 -10.30
C GLU A 377 11.24 -31.30 -9.32
N ILE A 378 11.97 -32.42 -9.33
CA ILE A 378 13.12 -32.59 -8.40
C ILE A 378 14.04 -31.37 -8.57
N ALA A 379 14.33 -30.95 -9.81
CA ALA A 379 15.27 -29.84 -10.14
C ALA A 379 14.75 -28.49 -9.60
N VAL A 380 13.46 -28.21 -9.74
CA VAL A 380 12.77 -27.00 -9.19
C VAL A 380 12.93 -26.99 -7.67
N LYS A 381 12.52 -28.09 -7.01
CA LYS A 381 12.61 -28.29 -5.53
C LYS A 381 14.06 -28.03 -5.09
N ASN A 382 14.99 -28.55 -5.89
CA ASN A 382 16.44 -28.56 -5.62
C ASN A 382 17.02 -27.15 -5.77
N TRP A 383 16.53 -26.42 -6.79
CA TRP A 383 16.90 -25.00 -7.00
C TRP A 383 16.46 -24.22 -5.74
N LEU A 384 15.22 -24.41 -5.31
CA LEU A 384 14.66 -23.72 -4.12
C LEU A 384 15.51 -24.01 -2.88
N VAL A 385 15.84 -25.27 -2.65
CA VAL A 385 16.63 -25.66 -1.45
C VAL A 385 18.03 -25.07 -1.58
N ARG A 386 18.57 -25.05 -2.79
CA ARG A 386 19.98 -24.71 -3.01
C ARG A 386 20.14 -23.17 -3.01
N VAL A 387 19.27 -22.41 -3.68
CA VAL A 387 19.55 -20.96 -3.97
C VAL A 387 18.31 -20.07 -3.70
N GLY A 388 17.18 -20.65 -3.31
CA GLY A 388 15.90 -19.94 -3.12
C GLY A 388 16.06 -18.72 -2.24
N ARG A 389 16.78 -18.85 -1.13
CA ARG A 389 16.95 -17.73 -0.17
C ARG A 389 17.79 -16.69 -0.90
N GLU A 390 18.87 -17.10 -1.57
CA GLU A 390 19.72 -16.13 -2.32
C GLU A 390 18.88 -15.37 -3.36
N ARG A 391 17.95 -16.03 -4.05
CA ARG A 391 17.14 -15.44 -5.14
C ARG A 391 16.07 -14.49 -4.57
N LEU A 392 15.54 -14.76 -3.37
CA LEU A 392 14.63 -13.83 -2.62
C LEU A 392 15.38 -12.55 -2.24
N SER A 393 16.62 -12.66 -1.83
CA SER A 393 17.41 -11.47 -1.41
C SER A 393 17.70 -10.58 -2.61
N ARG A 394 17.45 -11.06 -3.84
CA ARG A 394 17.75 -10.35 -5.12
C ARG A 394 16.55 -9.46 -5.49
N MET A 395 15.54 -9.41 -4.64
CA MET A 395 14.24 -8.76 -4.88
C MET A 395 13.83 -7.83 -3.72
N ALA A 396 13.13 -6.77 -4.06
CA ALA A 396 12.39 -5.89 -3.15
C ALA A 396 10.94 -5.92 -3.62
N ILE A 397 10.02 -6.45 -2.81
CA ILE A 397 8.60 -6.68 -3.22
C ILE A 397 7.68 -6.03 -2.19
N SER A 398 6.78 -5.20 -2.66
CA SER A 398 5.78 -4.48 -1.84
C SER A 398 4.43 -4.71 -2.49
N GLY A 399 3.70 -5.72 -2.02
CA GLY A 399 2.45 -6.09 -2.72
C GLY A 399 2.69 -6.34 -4.21
N ASP A 400 1.96 -5.64 -5.07
CA ASP A 400 2.01 -5.89 -6.53
C ASP A 400 3.25 -5.20 -7.11
N ASP A 401 4.04 -4.52 -6.30
CA ASP A 401 5.19 -3.73 -6.80
C ASP A 401 6.47 -4.53 -6.58
N CYS A 402 7.32 -4.67 -7.59
CA CYS A 402 8.61 -5.40 -7.44
C CYS A 402 9.76 -4.74 -8.18
N VAL A 403 10.95 -5.05 -7.67
CA VAL A 403 12.26 -4.78 -8.32
C VAL A 403 13.03 -6.09 -8.19
N VAL A 404 13.50 -6.64 -9.32
CA VAL A 404 14.29 -7.90 -9.38
C VAL A 404 15.63 -7.58 -10.02
N LYS A 405 16.71 -8.00 -9.37
CA LYS A 405 18.06 -8.08 -9.99
C LYS A 405 18.42 -9.56 -10.19
N PRO A 406 18.05 -10.12 -11.36
CA PRO A 406 18.26 -11.55 -11.63
C PRO A 406 19.73 -11.86 -11.88
N LEU A 407 20.03 -13.15 -11.92
CA LEU A 407 21.42 -13.64 -12.16
C LEU A 407 22.00 -13.00 -13.46
N ASP A 408 21.17 -12.78 -14.48
CA ASP A 408 21.64 -12.21 -15.78
C ASP A 408 20.42 -11.78 -16.61
N ASP A 409 20.61 -11.30 -17.83
CA ASP A 409 19.51 -10.64 -18.56
C ASP A 409 18.64 -11.63 -19.36
N ARG A 410 18.82 -12.95 -19.20
CA ARG A 410 17.89 -13.95 -19.79
C ARG A 410 16.49 -13.76 -19.20
N PHE A 411 16.40 -13.33 -17.93
CA PHE A 411 15.17 -12.94 -17.21
C PHE A 411 14.30 -12.05 -18.10
N ALA A 412 14.90 -11.10 -18.85
CA ALA A 412 14.20 -10.05 -19.63
C ALA A 412 13.21 -10.66 -20.63
N SER A 413 13.56 -11.80 -21.23
CA SER A 413 12.69 -12.45 -22.25
C SER A 413 12.08 -13.75 -21.71
N ALA A 414 12.18 -14.05 -20.40
CA ALA A 414 11.58 -15.25 -19.77
C ALA A 414 10.13 -14.91 -19.40
N LEU A 415 9.19 -15.11 -20.33
CA LEU A 415 7.84 -14.49 -20.25
C LEU A 415 6.72 -15.53 -20.23
N THR A 416 6.98 -16.81 -20.42
CA THR A 416 5.88 -17.78 -20.67
C THR A 416 5.14 -18.02 -19.35
N ALA A 417 5.86 -18.34 -18.28
CA ALA A 417 5.26 -18.57 -16.93
C ALA A 417 4.51 -17.32 -16.46
N LEU A 418 5.16 -16.15 -16.55
CA LEU A 418 4.60 -14.86 -16.07
C LEU A 418 3.28 -14.58 -16.77
N ASN A 419 3.22 -14.77 -18.09
CA ASN A 419 2.02 -14.52 -18.93
C ASN A 419 0.97 -15.62 -18.66
N ASP A 420 1.38 -16.88 -18.53
CA ASP A 420 0.46 -18.01 -18.23
C ASP A 420 -0.11 -17.93 -16.79
N MET A 421 0.61 -17.40 -15.80
CA MET A 421 0.05 -17.16 -14.43
C MET A 421 -0.97 -16.02 -14.47
N GLY A 422 -1.05 -15.28 -15.58
CA GLY A 422 -1.98 -14.15 -15.76
C GLY A 422 -1.39 -12.81 -15.34
N LYS A 423 -0.13 -12.76 -14.91
CA LYS A 423 0.55 -11.53 -14.38
C LYS A 423 1.19 -10.75 -15.54
N VAL A 424 0.33 -10.22 -16.41
CA VAL A 424 0.64 -9.59 -17.72
C VAL A 424 1.18 -8.19 -17.45
N ARG A 425 2.31 -7.83 -18.08
CA ARG A 425 2.99 -6.55 -17.81
C ARG A 425 2.13 -5.43 -18.38
N LYS A 426 2.10 -4.29 -17.69
CA LYS A 426 1.47 -3.00 -18.12
C LYS A 426 2.36 -2.35 -19.20
N ASP A 427 1.75 -1.80 -20.26
CA ASP A 427 2.41 -0.88 -21.24
C ASP A 427 3.67 -1.50 -21.88
N ILE A 428 3.55 -2.72 -22.41
CA ILE A 428 4.59 -3.39 -23.25
C ILE A 428 3.87 -4.58 -23.91
N GLN A 429 4.17 -4.87 -25.17
CA GLN A 429 3.49 -5.98 -25.90
C GLN A 429 3.84 -7.29 -25.20
N GLN A 430 2.86 -8.18 -25.12
CA GLN A 430 2.91 -9.43 -24.34
C GLN A 430 4.28 -10.11 -24.46
N TRP A 431 4.90 -10.15 -25.64
CA TRP A 431 6.09 -11.02 -25.89
C TRP A 431 7.35 -10.19 -26.15
N GLU A 432 7.27 -8.87 -25.95
CA GLU A 432 8.40 -7.92 -26.05
C GLU A 432 9.25 -8.07 -24.78
N PRO A 433 10.59 -8.24 -24.87
CA PRO A 433 11.41 -8.31 -23.65
C PRO A 433 11.37 -7.07 -22.77
N SER A 434 11.36 -7.28 -21.45
CA SER A 434 11.39 -6.23 -20.42
C SER A 434 12.63 -5.36 -20.66
N ARG A 435 12.46 -4.04 -20.62
CA ARG A 435 13.56 -3.05 -20.52
C ARG A 435 14.04 -3.00 -19.06
N GLY A 436 15.31 -3.32 -18.81
CA GLY A 436 15.89 -3.23 -17.45
C GLY A 436 16.45 -1.86 -17.16
N TRP A 437 16.84 -1.56 -15.92
CA TRP A 437 17.51 -0.31 -15.53
C TRP A 437 18.96 -0.64 -15.18
N ASN A 438 19.91 0.21 -15.55
CA ASN A 438 21.35 -0.06 -15.32
C ASN A 438 21.85 0.62 -14.05
N ASP A 439 21.02 1.49 -13.46
CA ASP A 439 21.41 2.34 -12.30
C ASP A 439 20.29 2.24 -11.25
N TRP A 440 20.60 1.74 -10.06
CA TRP A 440 19.62 1.64 -8.95
C TRP A 440 18.95 3.00 -8.66
N THR A 441 19.58 4.13 -8.98
CA THR A 441 19.01 5.49 -8.72
C THR A 441 17.95 5.93 -9.76
N GLN A 442 17.69 5.08 -10.76
CA GLN A 442 16.70 5.33 -11.84
C GLN A 442 15.48 4.41 -11.67
N VAL A 443 15.64 3.28 -10.99
CA VAL A 443 14.57 2.27 -10.76
C VAL A 443 13.38 2.90 -10.05
N PRO A 444 12.14 2.75 -10.58
CA PRO A 444 10.93 3.12 -9.86
C PRO A 444 10.54 2.04 -8.83
N PHE A 445 10.11 2.45 -7.63
CA PHE A 445 9.66 1.54 -6.54
C PHE A 445 8.83 2.33 -5.56
N CYS A 446 7.58 1.89 -5.31
CA CYS A 446 6.59 2.45 -4.36
C CYS A 446 6.37 3.94 -4.66
N SER A 447 6.28 4.26 -5.95
CA SER A 447 5.97 5.61 -6.48
C SER A 447 7.17 6.54 -6.31
N HIS A 448 8.35 6.02 -6.01
CA HIS A 448 9.57 6.85 -5.79
C HIS A 448 10.75 6.44 -6.69
N HIS A 449 11.74 7.32 -6.78
CA HIS A 449 13.14 6.97 -7.11
C HIS A 449 13.98 7.47 -5.95
N PHE A 450 15.26 7.12 -5.95
CA PHE A 450 16.20 7.31 -4.81
C PHE A 450 17.50 7.93 -5.32
N HIS A 451 17.96 8.97 -4.61
CA HIS A 451 19.21 9.71 -4.91
C HIS A 451 20.24 9.32 -3.86
N GLU A 452 21.50 9.23 -4.25
CA GLU A 452 22.69 9.22 -3.36
C GLU A 452 23.11 10.67 -3.11
N LEU A 453 23.22 11.06 -1.84
CA LEU A 453 23.44 12.47 -1.47
C LEU A 453 24.52 12.52 -0.40
N ILE A 454 25.64 13.15 -0.71
CA ILE A 454 26.83 13.14 0.19
C ILE A 454 26.79 14.42 1.03
N MET A 455 26.76 14.23 2.36
CA MET A 455 26.81 15.34 3.35
C MET A 455 28.21 15.99 3.36
N LYS A 456 28.26 17.28 3.68
N LYS A 456 28.25 17.29 3.68
CA LYS A 456 29.50 18.10 3.70
CA LYS A 456 29.48 18.12 3.74
C LYS A 456 30.58 17.40 4.53
C LYS A 456 30.58 17.37 4.50
N ASP A 457 30.21 16.40 5.36
CA ASP A 457 31.19 15.58 6.15
C ASP A 457 31.47 14.19 5.55
N GLY A 458 31.02 13.91 4.32
CA GLY A 458 31.31 12.65 3.61
C GLY A 458 30.33 11.53 3.94
N ARG A 459 29.48 11.65 4.94
CA ARG A 459 28.51 10.57 5.21
C ARG A 459 27.47 10.54 4.07
N VAL A 460 26.93 9.36 3.84
CA VAL A 460 26.12 9.11 2.63
C VAL A 460 24.67 8.86 3.03
N LEU A 461 23.79 9.76 2.59
CA LEU A 461 22.33 9.60 2.68
C LEU A 461 21.82 9.01 1.36
N VAL A 462 20.90 8.07 1.46
CA VAL A 462 20.07 7.59 0.32
C VAL A 462 18.64 8.02 0.61
N VAL A 463 18.13 8.94 -0.20
CA VAL A 463 16.90 9.72 0.08
C VAL A 463 15.83 9.39 -0.95
N PRO A 464 14.56 9.32 -0.53
CA PRO A 464 13.48 9.07 -1.49
C PRO A 464 13.08 10.37 -2.19
N CYS A 465 12.50 10.24 -3.39
CA CYS A 465 12.20 11.38 -4.27
C CYS A 465 11.08 11.02 -5.23
N ARG A 466 10.27 12.01 -5.60
CA ARG A 466 9.35 11.90 -6.74
C ARG A 466 9.06 13.30 -7.26
N ASN A 467 8.34 13.36 -8.36
CA ASN A 467 8.00 14.65 -9.02
C ASN A 467 7.31 15.53 -7.99
N GLN A 468 7.85 16.72 -7.76
CA GLN A 468 7.45 17.63 -6.68
C GLN A 468 6.02 18.07 -6.92
N ASP A 469 5.57 18.11 -8.18
CA ASP A 469 4.14 18.42 -8.46
C ASP A 469 3.25 17.38 -7.76
N GLU A 470 3.65 16.12 -7.71
CA GLU A 470 2.86 15.04 -7.09
C GLU A 470 2.81 15.31 -5.57
N LEU A 471 3.94 15.67 -4.97
CA LEU A 471 4.03 15.86 -3.50
C LEU A 471 3.16 17.05 -3.07
N ILE A 472 3.31 18.17 -3.75
CA ILE A 472 2.52 19.39 -3.45
C ILE A 472 1.04 19.17 -3.71
N GLY A 473 0.67 18.54 -4.82
CA GLY A 473 -0.74 18.27 -5.17
C GLY A 473 -1.45 17.37 -4.15
N ARG A 474 -0.75 16.40 -3.54
CA ARG A 474 -1.32 15.50 -2.50
C ARG A 474 -1.49 16.26 -1.17
N ALA A 475 -0.51 17.08 -0.77
CA ALA A 475 -0.59 17.83 0.51
C ALA A 475 -1.76 18.81 0.44
N ARG A 476 -2.17 19.24 -0.76
CA ARG A 476 -3.26 20.25 -0.91
C ARG A 476 -4.63 19.59 -0.82
N ILE A 477 -4.65 18.28 -0.60
CA ILE A 477 -5.91 17.51 -0.64
C ILE A 477 -6.20 16.93 0.73
N SER A 478 -7.47 16.96 1.12
N SER A 478 -7.46 16.99 1.16
CA SER A 478 -8.04 16.32 2.34
CA SER A 478 -7.99 16.29 2.35
C SER A 478 -9.18 15.38 1.93
C SER A 478 -9.17 15.40 1.96
N GLN A 479 -9.31 14.24 2.62
CA GLN A 479 -10.46 13.31 2.43
C GLN A 479 -11.45 13.58 3.56
N GLY A 480 -12.74 13.67 3.22
CA GLY A 480 -13.87 13.74 4.17
C GLY A 480 -14.35 15.15 4.43
N ALA A 481 -15.45 15.25 5.19
CA ALA A 481 -16.16 16.49 5.53
C ALA A 481 -16.04 16.76 7.03
N GLY A 482 -16.47 17.94 7.48
CA GLY A 482 -16.55 18.33 8.90
C GLY A 482 -15.19 18.66 9.46
N TRP A 483 -14.23 19.09 8.64
CA TRP A 483 -12.89 19.50 9.16
C TRP A 483 -12.99 20.93 9.74
N SER A 484 -12.75 21.07 11.02
CA SER A 484 -12.49 22.39 11.65
C SER A 484 -11.25 23.00 10.98
N LEU A 485 -11.04 24.31 11.13
CA LEU A 485 -9.75 25.00 10.76
C LEU A 485 -8.57 24.34 11.46
N ARG A 486 -8.75 24.02 12.74
CA ARG A 486 -7.70 23.43 13.59
C ARG A 486 -7.30 22.08 13.01
N GLU A 487 -8.25 21.24 12.64
CA GLU A 487 -7.90 19.88 12.13
C GLU A 487 -7.23 19.98 10.73
N THR A 488 -7.75 20.86 9.88
CA THR A 488 -7.17 21.19 8.56
C THR A 488 -5.70 21.61 8.78
N ALA A 489 -5.42 22.44 9.78
CA ALA A 489 -4.08 22.98 10.06
C ALA A 489 -3.14 21.85 10.50
N CYS A 490 -3.62 20.91 11.32
CA CYS A 490 -2.85 19.76 11.87
C CYS A 490 -2.55 18.74 10.77
N LEU A 491 -3.45 18.54 9.81
CA LEU A 491 -3.13 17.73 8.61
C LEU A 491 -2.03 18.41 7.78
N GLY A 492 -2.16 19.70 7.51
CA GLY A 492 -1.10 20.47 6.84
C GLY A 492 0.24 20.23 7.45
N LYS A 493 0.27 20.23 8.78
CA LYS A 493 1.47 20.07 9.63
C LYS A 493 2.01 18.66 9.50
N SER A 494 1.17 17.63 9.45
CA SER A 494 1.62 16.23 9.19
C SER A 494 2.38 16.20 7.86
N TYR A 495 1.87 16.89 6.84
CA TYR A 495 2.56 16.92 5.50
C TYR A 495 3.91 17.64 5.60
N ALA A 496 3.93 18.80 6.24
CA ALA A 496 5.14 19.62 6.43
C ALA A 496 6.20 18.78 7.13
N GLN A 497 5.83 18.04 8.17
CA GLN A 497 6.83 17.26 8.97
C GLN A 497 7.30 16.05 8.14
N MET A 498 6.42 15.47 7.33
CA MET A 498 6.86 14.39 6.41
C MET A 498 7.90 14.97 5.45
N TRP A 499 7.64 16.12 4.89
CA TRP A 499 8.55 16.72 3.89
C TRP A 499 9.91 17.00 4.55
N SER A 500 9.93 17.48 5.79
N SER A 500 9.93 17.48 5.80
CA SER A 500 11.17 17.79 6.55
CA SER A 500 11.17 17.79 6.56
C SER A 500 11.96 16.49 6.81
C SER A 500 11.95 16.51 6.82
N LEU A 501 11.27 15.37 7.00
CA LEU A 501 11.95 14.09 7.30
C LEU A 501 12.39 13.33 6.04
N MET A 502 11.56 13.29 5.01
CA MET A 502 11.80 12.45 3.81
C MET A 502 12.31 13.30 2.64
N TYR A 503 11.83 14.54 2.45
CA TYR A 503 12.08 15.33 1.22
C TYR A 503 12.86 16.62 1.53
N PHE A 504 13.69 16.61 2.59
CA PHE A 504 14.44 17.80 3.09
C PHE A 504 15.40 18.33 2.02
N HIS A 505 15.77 17.44 1.10
CA HIS A 505 16.80 17.68 0.03
C HIS A 505 16.19 18.44 -1.15
N ARG A 506 14.87 18.64 -1.17
CA ARG A 506 14.14 19.44 -2.19
C ARG A 506 14.02 20.87 -1.65
N ARG A 507 14.66 21.86 -2.28
CA ARG A 507 14.68 23.27 -1.81
C ARG A 507 13.25 23.78 -1.56
N ASP A 508 12.30 23.49 -2.42
CA ASP A 508 10.95 24.10 -2.26
C ASP A 508 10.20 23.48 -1.06
N LEU A 509 10.44 22.20 -0.76
CA LEU A 509 9.66 21.48 0.28
C LEU A 509 10.27 21.79 1.66
N ARG A 510 11.56 22.03 1.79
CA ARG A 510 12.15 22.40 3.09
C ARG A 510 11.62 23.78 3.47
N LEU A 511 11.53 24.69 2.49
CA LEU A 511 11.02 26.06 2.72
C LEU A 511 9.53 26.00 3.02
N ALA A 512 8.74 25.24 2.27
CA ALA A 512 7.27 25.24 2.46
C ALA A 512 6.96 24.59 3.83
N ALA A 513 7.73 23.56 4.21
CA ALA A 513 7.59 22.78 5.44
C ALA A 513 7.86 23.73 6.62
N ASN A 514 8.97 24.46 6.56
CA ASN A 514 9.32 25.50 7.56
C ASN A 514 8.18 26.53 7.63
N ALA A 515 7.67 27.00 6.50
CA ALA A 515 6.55 27.99 6.49
C ALA A 515 5.30 27.37 7.14
N ILE A 516 4.92 26.14 6.83
CA ILE A 516 3.68 25.53 7.41
C ILE A 516 3.87 25.37 8.94
N CYS A 517 5.00 24.85 9.40
CA CYS A 517 5.30 24.66 10.84
C CYS A 517 5.40 26.00 11.58
N SER A 518 5.68 27.08 10.87
CA SER A 518 5.71 28.44 11.40
C SER A 518 4.28 28.97 11.51
N ALA A 519 3.38 28.51 10.65
CA ALA A 519 2.01 29.09 10.47
C ALA A 519 0.98 28.36 11.35
N VAL A 520 1.29 27.15 11.78
CA VAL A 520 0.47 26.28 12.64
C VAL A 520 1.02 26.38 14.08
N PRO A 521 0.15 26.59 15.10
CA PRO A 521 0.59 26.70 16.49
C PRO A 521 1.59 25.58 16.85
N SER A 522 2.71 25.98 17.46
N SER A 522 2.69 25.98 17.49
CA SER A 522 3.87 25.12 17.80
CA SER A 522 3.87 25.15 17.81
C SER A 522 3.41 23.79 18.42
C SER A 522 3.46 23.82 18.47
N HIS A 523 2.48 23.85 19.39
CA HIS A 523 2.07 22.65 20.19
C HIS A 523 0.91 21.86 19.60
N TRP A 524 0.24 22.32 18.54
CA TRP A 524 -0.87 21.52 17.92
C TRP A 524 -0.32 20.25 17.30
N VAL A 525 -1.01 19.13 17.53
CA VAL A 525 -0.52 17.77 17.21
C VAL A 525 -0.87 17.48 15.74
N PRO A 526 0.08 16.99 14.93
CA PRO A 526 -0.23 16.48 13.58
C PRO A 526 -1.22 15.32 13.56
N THR A 527 -2.18 15.34 12.63
CA THR A 527 -3.27 14.32 12.47
C THR A 527 -3.35 13.82 11.03
N SER A 528 -4.05 12.70 10.86
CA SER A 528 -4.34 11.99 9.59
C SER A 528 -5.58 11.12 9.81
N ARG A 529 -6.43 10.92 8.79
CA ARG A 529 -7.67 10.08 8.89
C ARG A 529 -7.48 8.69 8.26
N THR A 530 -6.51 8.47 7.36
CA THR A 530 -6.17 7.13 6.81
C THR A 530 -4.66 6.85 7.00
N THR A 531 -4.25 6.63 8.26
CA THR A 531 -2.85 6.45 8.73
C THR A 531 -2.02 5.71 7.67
N ALA A 536 3.67 1.87 6.36
CA ALA A 536 5.08 2.29 6.55
C ALA A 536 5.26 2.92 7.96
N THR A 537 6.51 3.22 8.32
CA THR A 537 6.87 3.85 9.62
C THR A 537 6.68 5.38 9.47
N HIS A 538 5.83 5.98 10.31
N HIS A 538 5.85 5.96 10.34
CA HIS A 538 5.42 7.41 10.21
CA HIS A 538 5.36 7.36 10.30
C HIS A 538 6.06 8.20 11.35
C HIS A 538 6.05 8.19 11.39
N GLU A 539 7.37 8.40 11.28
CA GLU A 539 8.15 9.11 12.32
C GLU A 539 7.82 10.61 12.37
N TRP A 540 7.14 11.18 11.38
CA TRP A 540 6.75 12.61 11.38
C TRP A 540 5.50 12.86 12.23
N MET A 541 4.81 11.81 12.67
CA MET A 541 3.57 11.96 13.47
C MET A 541 3.98 12.10 14.94
N THR A 542 4.35 13.31 15.37
CA THR A 542 4.96 13.62 16.69
C THR A 542 5.01 15.13 16.84
N THR A 543 5.09 15.62 18.08
CA THR A 543 5.35 17.05 18.43
C THR A 543 6.81 17.22 18.85
N GLU A 544 7.60 16.15 18.87
CA GLU A 544 9.06 16.26 19.06
C GLU A 544 9.67 17.19 18.01
N ASP A 545 10.81 17.78 18.35
CA ASP A 545 11.61 18.69 17.49
C ASP A 545 11.98 17.93 16.20
N MET A 546 11.74 18.49 15.01
CA MET A 546 12.00 17.72 13.74
C MET A 546 13.52 17.51 13.55
N LEU A 547 14.38 18.44 13.95
CA LEU A 547 15.83 18.15 13.87
C LEU A 547 16.18 16.93 14.71
N THR A 548 15.58 16.73 15.89
CA THR A 548 15.87 15.58 16.79
C THR A 548 15.41 14.26 16.15
N VAL A 549 14.20 14.21 15.59
CA VAL A 549 13.69 13.05 14.83
C VAL A 549 14.61 12.77 13.62
N TRP A 550 15.01 13.80 12.87
CA TRP A 550 15.91 13.61 11.69
C TRP A 550 17.15 12.85 12.16
N ASN A 551 17.79 13.31 13.25
CA ASN A 551 19.03 12.69 13.79
C ASN A 551 18.74 11.23 14.16
N ARG A 552 17.60 10.96 14.80
CA ARG A 552 17.25 9.57 15.19
C ARG A 552 17.14 8.68 13.93
N VAL A 553 16.45 9.18 12.88
CA VAL A 553 16.04 8.37 11.70
C VAL A 553 17.22 8.16 10.74
N TRP A 554 17.96 9.23 10.43
CA TRP A 554 19.01 9.26 9.38
C TRP A 554 20.37 8.89 9.97
N ILE A 555 20.62 9.10 11.28
CA ILE A 555 21.97 8.90 11.89
C ILE A 555 21.88 7.74 12.89
N GLN A 556 21.22 7.95 14.04
CA GLN A 556 21.26 7.02 15.21
C GLN A 556 20.76 5.64 14.80
N GLU A 557 19.56 5.55 14.22
CA GLU A 557 18.85 4.28 13.98
C GLU A 557 19.13 3.72 12.57
N ASN A 558 19.99 4.39 11.77
CA ASN A 558 20.28 4.10 10.34
C ASN A 558 21.41 3.07 10.28
N PRO A 559 21.11 1.78 10.00
CA PRO A 559 22.14 0.75 9.98
C PRO A 559 23.17 0.85 8.84
N TRP A 560 22.99 1.76 7.88
CA TRP A 560 24.01 1.98 6.79
C TRP A 560 24.97 3.15 7.10
N MET A 561 24.83 3.81 8.26
CA MET A 561 25.66 4.97 8.71
C MET A 561 26.57 4.48 9.85
N GLU A 562 27.88 4.35 9.63
CA GLU A 562 28.83 3.85 10.67
C GLU A 562 29.11 4.96 11.70
N ASP A 563 29.34 6.20 11.27
CA ASP A 563 29.63 7.34 12.18
C ASP A 563 28.31 7.94 12.71
N LYS A 564 28.10 7.92 14.03
CA LYS A 564 26.82 8.30 14.70
C LYS A 564 26.88 9.73 15.25
N THR A 565 27.78 10.57 14.74
CA THR A 565 27.89 11.99 15.17
C THR A 565 26.58 12.71 14.85
N PRO A 566 25.85 13.28 15.84
CA PRO A 566 24.60 13.98 15.54
C PRO A 566 24.87 15.19 14.65
N VAL A 567 23.90 15.54 13.83
CA VAL A 567 23.87 16.84 13.10
C VAL A 567 23.34 17.88 14.10
N GLU A 568 23.97 19.05 14.14
CA GLU A 568 23.73 20.12 15.17
C GLU A 568 22.70 21.13 14.65
N SER A 569 22.55 21.30 13.32
CA SER A 569 21.58 22.25 12.71
C SER A 569 21.14 21.78 11.32
N TRP A 570 20.08 22.41 10.82
CA TRP A 570 19.49 22.05 9.51
C TRP A 570 20.48 22.40 8.39
N GLU A 571 21.37 23.36 8.59
CA GLU A 571 22.30 23.79 7.54
C GLU A 571 23.38 22.72 7.28
N GLU A 572 23.68 21.81 8.21
CA GLU A 572 24.57 20.64 7.95
C GLU A 572 23.89 19.65 6.98
N ILE A 573 22.58 19.80 6.72
CA ILE A 573 21.77 18.77 6.01
C ILE A 573 21.64 19.22 4.56
N PRO A 574 22.15 18.43 3.59
CA PRO A 574 22.28 18.89 2.20
C PRO A 574 20.99 18.87 1.37
N TYR A 575 21.05 19.57 0.25
CA TYR A 575 20.03 19.46 -0.83
C TYR A 575 20.62 18.63 -1.99
N LEU A 576 19.76 18.18 -2.91
CA LEU A 576 20.17 17.76 -4.26
C LEU A 576 20.94 18.91 -4.93
N GLY A 577 21.69 18.60 -5.98
CA GLY A 577 22.21 19.62 -6.90
C GLY A 577 21.03 20.45 -7.42
N LYS A 578 21.30 21.73 -7.71
CA LYS A 578 20.32 22.70 -8.24
C LYS A 578 19.65 22.13 -9.49
N ARG A 579 20.46 21.56 -10.40
CA ARG A 579 19.94 21.04 -11.69
C ARG A 579 19.09 19.80 -11.40
N GLU A 580 19.59 18.89 -10.58
CA GLU A 580 18.77 17.71 -10.19
C GLU A 580 17.47 18.15 -9.52
N ASP A 581 17.47 19.22 -8.73
CA ASP A 581 16.24 19.68 -8.03
C ASP A 581 15.24 20.10 -9.08
N GLN A 582 15.68 20.81 -10.12
CA GLN A 582 14.78 21.26 -11.21
C GLN A 582 14.30 20.07 -12.03
N TRP A 583 15.18 19.13 -12.35
CA TRP A 583 14.80 17.88 -13.06
C TRP A 583 13.64 17.22 -12.34
N CYS A 584 13.61 17.27 -11.00
CA CYS A 584 12.58 16.54 -10.21
C CYS A 584 11.43 17.48 -9.82
N GLY A 585 11.33 18.62 -10.50
CA GLY A 585 10.12 19.48 -10.48
C GLY A 585 10.28 20.78 -9.73
N SER A 586 11.49 21.11 -9.20
CA SER A 586 11.68 22.36 -8.43
C SER A 586 11.27 23.57 -9.29
N LEU A 587 10.73 24.60 -8.64
CA LEU A 587 10.47 25.92 -9.29
C LEU A 587 11.61 26.90 -9.05
N ILE A 588 12.73 26.44 -8.46
CA ILE A 588 13.91 27.33 -8.27
C ILE A 588 14.26 27.94 -9.63
N GLY A 589 14.59 29.23 -9.64
CA GLY A 589 14.88 29.95 -10.89
C GLY A 589 13.68 30.70 -11.42
N LEU A 590 12.44 30.33 -11.11
CA LEU A 590 11.28 31.12 -11.60
C LEU A 590 11.09 32.37 -10.73
N THR A 591 10.56 33.42 -11.36
CA THR A 591 10.14 34.70 -10.76
C THR A 591 9.08 34.44 -9.68
N SER A 592 8.02 33.68 -9.99
CA SER A 592 6.94 33.33 -9.04
C SER A 592 7.51 32.77 -7.71
N ARG A 593 8.49 31.89 -7.81
CA ARG A 593 9.12 31.18 -6.66
C ARG A 593 9.99 32.17 -5.86
N ALA A 594 10.77 33.01 -6.54
CA ALA A 594 11.62 34.02 -5.88
C ALA A 594 10.76 34.98 -5.02
N THR A 595 9.58 35.38 -5.50
CA THR A 595 8.68 36.30 -4.78
C THR A 595 8.08 35.60 -3.56
N TRP A 596 7.64 34.37 -3.77
CA TRP A 596 7.11 33.51 -2.70
C TRP A 596 8.14 33.39 -1.57
N ALA A 597 9.34 32.93 -1.86
CA ALA A 597 10.44 32.80 -0.88
C ALA A 597 10.71 34.13 -0.15
N LYS A 598 10.94 35.19 -0.91
CA LYS A 598 11.39 36.47 -0.35
C LYS A 598 10.30 36.95 0.61
N ASN A 599 9.02 36.81 0.24
CA ASN A 599 7.86 37.36 0.98
C ASN A 599 7.14 36.30 1.82
N ILE A 600 7.83 35.25 2.27
CA ILE A 600 7.20 34.06 2.91
C ILE A 600 6.55 34.46 4.25
N GLN A 601 7.19 35.35 5.01
N GLN A 601 7.19 35.35 5.00
CA GLN A 601 6.69 35.81 6.34
CA GLN A 601 6.72 35.84 6.32
C GLN A 601 5.30 36.44 6.18
C GLN A 601 5.31 36.45 6.18
N THR A 602 5.00 37.05 5.03
CA THR A 602 3.65 37.61 4.75
C THR A 602 2.60 36.50 4.52
N ALA A 603 3.00 35.35 3.97
CA ALA A 603 2.07 34.22 3.77
C ALA A 603 1.84 33.58 5.12
N ILE A 604 2.93 33.35 5.84
CA ILE A 604 2.88 32.80 7.22
C ILE A 604 1.91 33.67 8.06
N ASN A 605 2.08 35.01 8.05
CA ASN A 605 1.21 35.94 8.82
C ASN A 605 -0.26 35.84 8.37
N GLN A 606 -0.55 35.63 7.09
CA GLN A 606 -1.96 35.54 6.60
C GLN A 606 -2.63 34.33 7.29
N VAL A 607 -1.96 33.17 7.34
CA VAL A 607 -2.53 31.94 7.93
C VAL A 607 -2.62 32.10 9.47
N ARG A 608 -1.61 32.71 10.10
CA ARG A 608 -1.67 33.02 11.56
C ARG A 608 -2.88 33.88 11.88
N SER A 609 -3.14 34.92 11.09
CA SER A 609 -4.32 35.80 11.27
C SER A 609 -5.62 35.01 11.15
N LEU A 610 -5.69 34.00 10.31
CA LEU A 610 -6.94 33.24 10.10
C LEU A 610 -7.17 32.34 11.31
N ILE A 611 -6.11 31.69 11.76
CA ILE A 611 -6.16 30.70 12.86
C ILE A 611 -6.43 31.45 14.17
N GLY A 612 -5.73 32.56 14.38
CA GLY A 612 -5.98 33.55 15.45
C GLY A 612 -4.78 33.69 16.39
N ASN A 613 -5.05 34.16 17.60
CA ASN A 613 -4.01 34.54 18.58
C ASN A 613 -3.61 33.28 19.36
N GLU A 614 -2.52 32.65 18.96
CA GLU A 614 -2.07 31.32 19.45
C GLU A 614 -0.58 31.43 19.68
N GLU A 615 0.07 30.39 20.21
CA GLU A 615 1.56 30.40 20.32
C GLU A 615 2.14 29.78 19.05
N TYR A 616 2.98 30.53 18.34
CA TYR A 616 3.68 30.21 17.07
C TYR A 616 5.20 30.33 17.31
N THR A 617 5.94 29.50 16.57
CA THR A 617 7.42 29.50 16.46
C THR A 617 7.81 29.92 15.05
N ASP A 618 8.86 30.76 14.92
CA ASP A 618 9.45 31.10 13.60
C ASP A 618 10.52 30.05 13.27
N TYR A 619 10.25 29.15 12.33
CA TYR A 619 11.22 28.13 11.87
C TYR A 619 12.06 28.61 10.66
N MET A 620 11.76 29.77 10.06
CA MET A 620 12.46 30.22 8.82
C MET A 620 13.95 30.52 9.08
N PRO A 621 14.42 31.05 10.24
CA PRO A 621 15.86 31.22 10.49
C PRO A 621 16.70 29.93 10.62
N SER A 622 16.06 28.76 10.65
CA SER A 622 16.76 27.44 10.49
C SER A 622 17.39 27.34 9.08
N MET A 623 16.92 28.17 8.13
CA MET A 623 17.48 28.27 6.76
C MET A 623 18.44 29.46 6.67
N LYS A 624 19.54 29.30 5.93
CA LYS A 624 20.66 30.27 5.78
C LYS A 624 20.15 31.64 5.29
N ARG A 625 19.31 31.65 4.24
CA ARG A 625 18.88 32.90 3.54
C ARG A 625 18.00 33.75 4.47
N PHE A 626 17.29 33.13 5.42
CA PHE A 626 16.41 33.82 6.41
C PHE A 626 17.15 34.03 7.74
N ARG A 627 18.31 33.40 7.89
CA ARG A 627 19.15 33.53 9.12
C ARG A 627 19.78 34.93 9.06
N ARG A 628 18.94 35.98 9.05
CA ARG A 628 19.30 37.39 8.70
C ARG A 628 19.77 37.43 7.23
#